data_1ZHT
#
_entry.id   1ZHT
#
_cell.length_a   82.316
_cell.length_b   95.080
_cell.length_c   65.361
_cell.angle_alpha   90.00
_cell.angle_beta   96.55
_cell.angle_gamma   90.00
#
_symmetry.space_group_name_H-M   'C 1 2 1'
#
loop_
_entity.id
_entity.type
_entity.pdbx_description
1 polymer 'KES1 protein'
2 non-polymer 7-HYDROXYCHOLESTEROL
3 water water
#
_entity_poly.entity_id   1
_entity_poly.type   'polypeptide(L)'
_entity_poly.pdbx_seq_one_letter_code
;GAMDPSQYASSSSWTSFLKSIASFNGDLSSLSAPPFILSPISLTEFSQYWAEHPELFLEPSFINDDNYKEHCLIDPEVES
PELARMLAVTKWFISTLKSQYCSRNESLGSEKKPLNPFLGELFVGKWENKEHPEFGETVLLSEQVSHHPPVTAFSIFNDK
NKVKLQGYNQIKASFTKSLMLTVKQFGHTMLDIKDESYLVTPPPLHIEGILVASPFVELEGKSYIQSSTGLLCVIEFSGR
GYFSGKKNSFKARIYKDSKDSKDKEKALYTISGQWSGSSKIIKANKKEESRLFYDAARIPAEHLNVKPLEEQHPLESRKA
WYDVAGAIKLGDFNLIAKTKTELEETQRELRKEEEAKGISWQRRWFKDFDYSVTPEEGALVPEKDDTFLKLASALNLSTK
NAPSGTLVGDKEDRKEDLSSIHWRFQRELWDEEKEIVL
;
_entity_poly.pdbx_strand_id   A
#
loop_
_chem_comp.id
_chem_comp.type
_chem_comp.name
_chem_comp.formula
HCR non-polymer 7-HYDROXYCHOLESTEROL 'C27 H46 O2'
#
# COMPACT_ATOMS: atom_id res chain seq x y z
N MET A 3 -11.15 -21.55 -19.67
CA MET A 3 -10.98 -22.94 -19.16
C MET A 3 -11.17 -22.96 -17.64
N ASP A 4 -11.36 -24.16 -17.09
CA ASP A 4 -11.53 -24.30 -15.66
C ASP A 4 -10.15 -24.10 -15.02
N PRO A 5 -10.10 -23.56 -13.79
CA PRO A 5 -8.81 -23.34 -13.14
C PRO A 5 -7.96 -24.61 -13.02
N SER A 6 -8.61 -25.77 -12.89
CA SER A 6 -7.89 -27.02 -12.77
C SER A 6 -7.11 -27.32 -14.04
N GLN A 7 -7.43 -26.60 -15.13
CA GLN A 7 -6.76 -26.80 -16.42
C GLN A 7 -5.60 -25.82 -16.67
N TYR A 8 -5.55 -24.75 -15.86
CA TYR A 8 -4.52 -23.72 -16.02
C TYR A 8 -3.08 -24.21 -16.08
N ALA A 9 -2.67 -24.88 -15.00
CA ALA A 9 -1.29 -25.36 -14.87
C ALA A 9 -0.69 -26.11 -16.05
N SER A 10 -1.48 -26.96 -16.68
CA SER A 10 -0.99 -27.75 -17.81
C SER A 10 -1.30 -27.18 -19.20
N SER A 11 -1.98 -26.05 -19.24
CA SER A 11 -2.33 -25.43 -20.51
C SER A 11 -1.10 -24.97 -21.30
N SER A 12 -1.28 -24.87 -22.61
CA SER A 12 -0.19 -24.41 -23.48
C SER A 12 0.15 -22.98 -23.06
N SER A 13 -0.89 -22.21 -22.74
CA SER A 13 -0.70 -20.82 -22.34
C SER A 13 0.17 -20.68 -21.10
N TRP A 14 -0.11 -21.47 -20.06
CA TRP A 14 0.71 -21.36 -18.86
C TRP A 14 2.14 -21.84 -19.11
N THR A 15 2.31 -22.89 -19.91
CA THR A 15 3.66 -23.37 -20.16
C THR A 15 4.46 -22.29 -20.91
N SER A 16 3.82 -21.62 -21.85
CA SER A 16 4.49 -20.56 -22.62
C SER A 16 4.81 -19.39 -21.69
N PHE A 17 3.94 -19.16 -20.72
CA PHE A 17 4.15 -18.10 -19.76
C PHE A 17 5.38 -18.40 -18.89
N LEU A 18 5.44 -19.60 -18.31
CA LEU A 18 6.57 -19.97 -17.47
C LEU A 18 7.89 -19.86 -18.23
N LYS A 19 7.86 -20.15 -19.52
CA LYS A 19 9.08 -20.05 -20.33
C LYS A 19 9.50 -18.59 -20.52
N SER A 20 8.53 -17.68 -20.59
CA SER A 20 8.83 -16.27 -20.78
C SER A 20 9.51 -15.71 -19.54
N ILE A 21 9.33 -16.37 -18.41
CA ILE A 21 9.94 -15.93 -17.15
C ILE A 21 11.45 -16.12 -17.21
N ALA A 22 11.89 -17.17 -17.90
CA ALA A 22 13.32 -17.46 -18.01
C ALA A 22 14.10 -16.25 -18.51
N SER A 23 13.54 -15.54 -19.48
CA SER A 23 14.19 -14.37 -20.05
C SER A 23 13.63 -13.07 -19.48
N PHE A 24 13.04 -13.15 -18.29
CA PHE A 24 12.48 -11.97 -17.63
C PHE A 24 13.51 -10.85 -17.59
N ASN A 25 13.11 -9.66 -18.05
CA ASN A 25 14.00 -8.51 -18.07
C ASN A 25 13.79 -7.54 -16.93
N GLY A 26 13.07 -7.96 -15.89
CA GLY A 26 12.83 -7.08 -14.75
C GLY A 26 11.54 -6.29 -14.87
N ASP A 27 11.03 -6.17 -16.08
CA ASP A 27 9.79 -5.45 -16.32
C ASP A 27 8.66 -6.48 -16.31
N LEU A 28 7.89 -6.53 -15.23
CA LEU A 28 6.81 -7.50 -15.11
C LEU A 28 5.85 -7.48 -16.30
N SER A 29 5.74 -6.33 -16.96
CA SER A 29 4.85 -6.19 -18.10
C SER A 29 5.30 -6.97 -19.34
N SER A 30 6.58 -7.34 -19.39
CA SER A 30 7.10 -8.09 -20.54
C SER A 30 6.62 -9.54 -20.52
N LEU A 31 6.06 -9.97 -19.39
CA LEU A 31 5.59 -11.35 -19.25
C LEU A 31 4.33 -11.63 -20.03
N SER A 32 4.36 -12.71 -20.81
CA SER A 32 3.21 -13.09 -21.62
C SER A 32 2.18 -13.80 -20.74
N ALA A 33 1.53 -13.01 -19.89
CA ALA A 33 0.52 -13.55 -18.97
C ALA A 33 -0.74 -13.85 -19.77
N PRO A 34 -1.24 -15.10 -19.67
CA PRO A 34 -2.44 -15.51 -20.40
C PRO A 34 -3.67 -14.76 -19.90
N PRO A 35 -4.69 -14.57 -20.77
CA PRO A 35 -5.89 -13.86 -20.34
C PRO A 35 -6.52 -14.34 -19.01
N PHE A 36 -6.48 -15.65 -18.75
CA PHE A 36 -7.11 -16.15 -17.53
C PHE A 36 -6.43 -15.71 -16.24
N ILE A 37 -5.21 -15.18 -16.34
CA ILE A 37 -4.52 -14.73 -15.14
C ILE A 37 -4.46 -13.20 -15.12
N LEU A 38 -5.24 -12.56 -15.99
CA LEU A 38 -5.28 -11.10 -16.04
C LEU A 38 -6.38 -10.52 -15.16
N SER A 39 -6.09 -9.38 -14.53
CA SER A 39 -7.07 -8.70 -13.71
C SER A 39 -7.54 -7.45 -14.42
N PRO A 40 -8.84 -7.13 -14.34
CA PRO A 40 -9.32 -5.92 -15.02
C PRO A 40 -9.19 -4.67 -14.15
N ILE A 41 -8.45 -4.78 -13.05
CA ILE A 41 -8.25 -3.67 -12.10
C ILE A 41 -6.86 -3.05 -12.25
N SER A 42 -6.79 -1.73 -12.33
CA SER A 42 -5.51 -1.05 -12.43
C SER A 42 -4.90 -0.88 -11.05
N LEU A 43 -3.57 -0.84 -10.98
CA LEU A 43 -2.88 -0.65 -9.72
C LEU A 43 -3.18 0.68 -9.06
N THR A 44 -3.72 1.65 -9.79
CA THR A 44 -4.03 2.94 -9.15
C THR A 44 -5.16 2.75 -8.16
N GLU A 45 -5.94 1.70 -8.34
CA GLU A 45 -7.05 1.42 -7.42
C GLU A 45 -6.59 0.85 -6.07
N PHE A 46 -5.39 0.26 -6.03
CA PHE A 46 -4.89 -0.33 -4.78
C PHE A 46 -4.73 0.62 -3.60
N SER A 47 -4.67 1.91 -3.86
CA SER A 47 -4.54 2.89 -2.81
C SER A 47 -5.74 2.86 -1.87
N GLN A 48 -6.89 2.42 -2.39
CA GLN A 48 -8.10 2.36 -1.58
C GLN A 48 -7.97 1.34 -0.46
N TYR A 49 -7.06 0.39 -0.61
CA TYR A 49 -6.87 -0.66 0.38
C TYR A 49 -6.36 -0.12 1.72
N TRP A 50 -5.98 1.14 1.77
CA TRP A 50 -5.51 1.70 3.04
C TRP A 50 -6.63 2.13 3.98
N ALA A 51 -7.89 2.12 3.55
CA ALA A 51 -8.96 2.54 4.45
C ALA A 51 -10.33 1.91 4.24
N GLU A 52 -10.36 0.60 3.97
CA GLU A 52 -11.62 -0.10 3.76
C GLU A 52 -12.35 -0.45 5.06
N HIS A 53 -11.87 0.10 6.16
CA HIS A 53 -12.50 -0.10 7.45
C HIS A 53 -12.54 1.27 8.09
N PRO A 54 -13.48 2.11 7.63
CA PRO A 54 -13.68 3.49 8.09
C PRO A 54 -13.56 3.69 9.59
N GLU A 55 -14.20 2.82 10.36
CA GLU A 55 -14.18 2.95 11.81
C GLU A 55 -12.79 2.82 12.41
N LEU A 56 -11.95 1.94 11.84
CA LEU A 56 -10.60 1.76 12.36
C LEU A 56 -9.66 2.88 11.93
N PHE A 57 -9.86 3.38 10.72
CA PHE A 57 -9.04 4.46 10.18
C PHE A 57 -9.24 5.72 11.04
N LEU A 58 -10.48 5.97 11.46
CA LEU A 58 -10.81 7.17 12.24
C LEU A 58 -10.73 7.05 13.76
N GLU A 59 -10.78 5.83 14.29
CA GLU A 59 -10.77 5.62 15.75
C GLU A 59 -9.73 6.41 16.55
N PRO A 60 -8.50 6.53 16.05
CA PRO A 60 -7.48 7.29 16.81
C PRO A 60 -7.88 8.74 17.12
N SER A 61 -8.63 9.36 16.22
CA SER A 61 -9.04 10.76 16.42
C SER A 61 -10.07 10.97 17.54
N PHE A 62 -10.74 9.90 17.96
CA PHE A 62 -11.76 10.00 19.02
C PHE A 62 -11.17 9.73 20.40
N ILE A 63 -9.89 9.39 20.44
CA ILE A 63 -9.20 9.10 21.69
C ILE A 63 -8.50 10.35 22.22
N ASN A 64 -8.83 10.77 23.44
CA ASN A 64 -8.20 11.95 24.03
C ASN A 64 -7.87 11.73 25.50
N ASP A 65 -7.27 12.74 26.14
CA ASP A 65 -6.87 12.63 27.53
C ASP A 65 -8.00 12.34 28.51
N ASP A 66 -9.23 12.63 28.09
CA ASP A 66 -10.40 12.44 28.95
C ASP A 66 -11.23 11.19 28.69
N ASN A 67 -10.81 10.33 27.77
CA ASN A 67 -11.60 9.13 27.50
C ASN A 67 -10.79 7.96 26.99
N TYR A 68 -9.49 8.14 26.83
CA TYR A 68 -8.65 7.07 26.28
C TYR A 68 -8.81 5.69 26.91
N LYS A 69 -9.08 5.61 28.20
CA LYS A 69 -9.23 4.32 28.85
C LYS A 69 -10.53 3.65 28.41
N GLU A 70 -11.41 4.42 27.79
CA GLU A 70 -12.69 3.90 27.31
C GLU A 70 -12.59 3.57 25.82
N HIS A 71 -11.40 3.77 25.26
CA HIS A 71 -11.15 3.51 23.84
C HIS A 71 -9.96 2.56 23.66
N CYS A 72 -9.97 1.47 24.43
CA CYS A 72 -8.91 0.48 24.34
C CYS A 72 -9.49 -0.85 24.81
N LEU A 73 -10.23 -1.49 23.92
CA LEU A 73 -10.89 -2.75 24.22
C LEU A 73 -9.99 -3.80 24.86
N ILE A 74 -8.80 -4.01 24.30
CA ILE A 74 -7.91 -5.02 24.85
C ILE A 74 -7.22 -4.64 26.16
N ASP A 75 -7.34 -3.39 26.58
CA ASP A 75 -6.71 -2.96 27.82
C ASP A 75 -7.31 -1.68 28.43
N PRO A 76 -8.39 -1.82 29.21
CA PRO A 76 -9.08 -0.70 29.86
C PRO A 76 -8.14 0.06 30.80
N GLU A 77 -7.01 -0.55 31.12
CA GLU A 77 -6.04 0.08 32.01
C GLU A 77 -4.79 0.53 31.25
N VAL A 78 -4.97 0.83 29.96
CA VAL A 78 -3.85 1.28 29.14
C VAL A 78 -3.17 2.48 29.81
N GLU A 79 -1.85 2.49 29.74
CA GLU A 79 -1.02 3.53 30.35
C GLU A 79 -1.23 4.99 29.94
N SER A 80 -1.55 5.24 28.67
CA SER A 80 -1.72 6.61 28.23
C SER A 80 -2.53 6.72 26.94
N PRO A 81 -2.97 7.94 26.61
CA PRO A 81 -3.74 8.13 25.38
C PRO A 81 -2.83 7.92 24.15
N GLU A 82 -1.56 8.28 24.28
CA GLU A 82 -0.63 8.08 23.18
C GLU A 82 -0.52 6.60 22.84
N LEU A 83 -0.51 5.76 23.87
CA LEU A 83 -0.40 4.32 23.71
C LEU A 83 -1.71 3.72 23.21
N ALA A 84 -2.84 4.26 23.67
CA ALA A 84 -4.14 3.77 23.23
C ALA A 84 -4.26 4.09 21.74
N ARG A 85 -3.74 5.24 21.32
CA ARG A 85 -3.80 5.59 19.90
C ARG A 85 -2.84 4.75 19.05
N MET A 86 -1.69 4.37 19.62
CA MET A 86 -0.73 3.54 18.87
C MET A 86 -1.35 2.14 18.67
N LEU A 87 -2.11 1.68 19.66
CA LEU A 87 -2.76 0.38 19.57
C LEU A 87 -3.83 0.45 18.49
N ALA A 88 -4.56 1.56 18.45
CA ALA A 88 -5.61 1.75 17.44
C ALA A 88 -5.01 1.86 16.04
N VAL A 89 -3.90 2.58 15.90
CA VAL A 89 -3.25 2.72 14.61
C VAL A 89 -2.73 1.34 14.17
N THR A 90 -2.24 0.57 15.13
CA THR A 90 -1.74 -0.76 14.83
C THR A 90 -2.86 -1.68 14.33
N LYS A 91 -4.04 -1.57 14.95
CA LYS A 91 -5.19 -2.39 14.55
C LYS A 91 -5.63 -1.98 13.16
N TRP A 92 -5.58 -0.68 12.88
CA TRP A 92 -5.97 -0.19 11.57
C TRP A 92 -5.00 -0.75 10.53
N PHE A 93 -3.70 -0.63 10.80
CA PHE A 93 -2.70 -1.11 9.86
C PHE A 93 -2.94 -2.59 9.55
N ILE A 94 -3.10 -3.39 10.60
CA ILE A 94 -3.34 -4.82 10.42
C ILE A 94 -4.59 -5.06 9.58
N SER A 95 -5.64 -4.26 9.82
CA SER A 95 -6.89 -4.42 9.07
C SER A 95 -6.73 -4.12 7.58
N THR A 96 -5.69 -3.38 7.21
CA THR A 96 -5.51 -3.05 5.81
C THR A 96 -4.91 -4.21 5.01
N LEU A 97 -4.18 -5.08 5.71
CA LEU A 97 -3.51 -6.19 5.04
C LEU A 97 -4.37 -7.15 4.22
N LYS A 98 -5.51 -7.56 4.73
CA LYS A 98 -6.38 -8.45 3.97
C LYS A 98 -6.83 -7.75 2.67
N SER A 99 -7.15 -6.46 2.76
CA SER A 99 -7.57 -5.71 1.56
C SER A 99 -6.42 -5.65 0.57
N GLN A 100 -5.28 -5.19 1.06
CA GLN A 100 -4.09 -5.05 0.22
C GLN A 100 -3.69 -6.32 -0.52
N TYR A 101 -3.63 -7.43 0.21
CA TYR A 101 -3.12 -8.66 -0.37
C TYR A 101 -3.99 -9.89 -0.64
N CYS A 102 -5.27 -9.85 -0.25
CA CYS A 102 -6.16 -11.00 -0.49
C CYS A 102 -7.39 -10.68 -1.35
N SER A 103 -7.62 -9.40 -1.62
CA SER A 103 -8.78 -8.98 -2.39
C SER A 103 -8.98 -9.73 -3.70
N ARG A 104 -7.91 -9.91 -4.48
CA ARG A 104 -8.07 -10.61 -5.76
C ARG A 104 -8.34 -12.11 -5.61
N ASN A 105 -7.83 -12.73 -4.55
CA ASN A 105 -8.07 -14.15 -4.40
C ASN A 105 -9.56 -14.34 -4.22
N GLU A 106 -10.18 -13.41 -3.52
CA GLU A 106 -11.62 -13.48 -3.26
C GLU A 106 -12.48 -13.13 -4.45
N SER A 107 -12.18 -12.02 -5.10
CA SER A 107 -12.95 -11.56 -6.25
C SER A 107 -12.61 -12.15 -7.61
N LEU A 108 -11.37 -12.61 -7.78
CA LEU A 108 -10.96 -13.17 -9.06
C LEU A 108 -10.60 -14.66 -9.01
N GLY A 109 -10.42 -15.22 -7.82
CA GLY A 109 -10.08 -16.63 -7.69
C GLY A 109 -8.63 -16.88 -7.32
N SER A 110 -7.79 -15.84 -7.45
CA SER A 110 -6.39 -15.94 -7.10
C SER A 110 -5.76 -14.59 -7.36
N GLU A 111 -4.49 -14.43 -7.03
CA GLU A 111 -3.83 -13.18 -7.32
C GLU A 111 -3.67 -13.20 -8.83
N LYS A 112 -3.80 -12.05 -9.48
CA LYS A 112 -3.66 -11.97 -10.93
C LYS A 112 -2.86 -10.74 -11.34
N LYS A 113 -2.51 -10.66 -12.61
CA LYS A 113 -1.73 -9.54 -13.11
C LYS A 113 -2.61 -8.30 -13.24
N PRO A 114 -2.30 -7.25 -12.47
CA PRO A 114 -3.08 -6.02 -12.53
C PRO A 114 -2.73 -5.20 -13.76
N LEU A 115 -3.60 -4.27 -14.13
CA LEU A 115 -3.34 -3.41 -15.27
C LEU A 115 -2.22 -2.45 -14.87
N ASN A 116 -1.24 -2.28 -15.75
CA ASN A 116 -0.11 -1.38 -15.52
C ASN A 116 -0.63 0.03 -15.83
N PRO A 117 -0.81 0.87 -14.79
CA PRO A 117 -1.32 2.24 -14.98
C PRO A 117 -0.58 3.12 -15.99
N PHE A 118 -1.30 3.99 -16.67
CA PHE A 118 -0.65 4.88 -17.60
C PHE A 118 -0.27 6.15 -16.83
N LEU A 119 0.81 6.80 -17.26
CA LEU A 119 1.27 8.02 -16.61
C LEU A 119 0.13 9.03 -16.61
N GLY A 120 -0.19 9.55 -15.43
CA GLY A 120 -1.24 10.54 -15.32
C GLY A 120 -2.59 9.99 -14.85
N GLU A 121 -2.71 8.67 -14.84
CA GLU A 121 -3.94 8.00 -14.43
C GLU A 121 -4.40 8.42 -13.04
N LEU A 122 -5.70 8.64 -12.90
CA LEU A 122 -6.27 9.05 -11.62
C LEU A 122 -7.35 8.07 -11.18
N PHE A 123 -7.54 7.98 -9.87
CA PHE A 123 -8.59 7.14 -9.30
C PHE A 123 -9.04 7.87 -8.04
N VAL A 124 -10.30 8.31 -8.05
CA VAL A 124 -10.85 9.05 -6.93
C VAL A 124 -12.20 8.52 -6.46
N GLY A 125 -12.50 8.75 -5.19
CA GLY A 125 -13.75 8.30 -4.63
C GLY A 125 -13.86 8.75 -3.20
N LYS A 126 -14.86 8.24 -2.48
CA LYS A 126 -15.07 8.63 -1.11
C LYS A 126 -15.88 7.61 -0.35
N TRP A 127 -15.65 7.56 0.96
CA TRP A 127 -16.39 6.70 1.85
C TRP A 127 -17.34 7.71 2.47
N GLU A 128 -18.62 7.60 2.16
CA GLU A 128 -19.59 8.57 2.68
C GLU A 128 -19.89 8.36 4.17
N ASN A 129 -19.65 7.13 4.65
CA ASN A 129 -19.90 6.80 6.05
C ASN A 129 -21.28 7.29 6.48
N LYS A 130 -22.28 6.91 5.69
CA LYS A 130 -23.65 7.32 5.98
C LYS A 130 -24.22 6.78 7.30
N GLU A 131 -23.70 5.64 7.75
CA GLU A 131 -24.17 5.05 9.01
C GLU A 131 -23.53 5.68 10.23
N HIS A 132 -22.57 6.57 10.02
CA HIS A 132 -21.87 7.22 11.12
C HIS A 132 -21.65 8.71 10.84
N PRO A 133 -22.66 9.54 11.09
CA PRO A 133 -22.55 10.99 10.86
C PRO A 133 -21.36 11.64 11.55
N GLU A 134 -20.92 11.07 12.66
CA GLU A 134 -19.78 11.64 13.38
C GLU A 134 -18.49 11.43 12.59
N PHE A 135 -18.47 10.39 11.76
CA PHE A 135 -17.30 10.10 10.93
C PHE A 135 -17.04 11.17 9.89
N GLY A 136 -18.05 11.48 9.09
CA GLY A 136 -17.88 12.48 8.05
C GLY A 136 -17.38 11.78 6.79
N GLU A 137 -17.21 12.55 5.73
CA GLU A 137 -16.76 12.02 4.46
C GLU A 137 -15.25 11.77 4.44
N THR A 138 -14.84 10.66 3.84
CA THR A 138 -13.42 10.35 3.74
C THR A 138 -13.11 10.24 2.25
N VAL A 139 -12.16 11.06 1.80
CA VAL A 139 -11.76 11.12 0.41
C VAL A 139 -10.50 10.36 0.03
N LEU A 140 -10.54 9.69 -1.12
CA LEU A 140 -9.36 8.97 -1.63
C LEU A 140 -8.94 9.65 -2.94
N LEU A 141 -7.67 10.02 -3.04
CA LEU A 141 -7.13 10.58 -4.27
C LEU A 141 -5.91 9.71 -4.60
N SER A 142 -5.90 9.15 -5.80
CA SER A 142 -4.81 8.29 -6.22
C SER A 142 -4.35 8.69 -7.61
N GLU A 143 -3.04 8.87 -7.77
CA GLU A 143 -2.49 9.27 -9.07
C GLU A 143 -1.22 8.52 -9.45
N GLN A 144 -1.11 8.17 -10.72
CA GLN A 144 0.06 7.47 -11.22
C GLN A 144 1.06 8.56 -11.57
N VAL A 145 2.01 8.81 -10.67
CA VAL A 145 3.00 9.85 -10.90
C VAL A 145 4.20 9.40 -11.75
N SER A 146 4.24 8.10 -12.07
CA SER A 146 5.30 7.56 -12.92
C SER A 146 4.86 6.27 -13.57
N HIS A 147 5.28 6.05 -14.82
CA HIS A 147 4.97 4.85 -15.59
C HIS A 147 6.26 4.04 -15.79
N HIS A 148 7.36 4.76 -15.94
CA HIS A 148 8.67 4.16 -16.13
C HIS A 148 9.62 4.67 -15.04
N PRO A 149 9.64 3.99 -13.86
CA PRO A 149 8.88 2.80 -13.50
C PRO A 149 7.53 3.18 -12.91
N PRO A 150 6.66 2.19 -12.67
CA PRO A 150 5.33 2.47 -12.10
C PRO A 150 5.43 2.99 -10.69
N VAL A 151 4.79 4.14 -10.43
CA VAL A 151 4.76 4.71 -9.09
C VAL A 151 3.38 5.30 -8.89
N THR A 152 2.74 4.91 -7.79
CA THR A 152 1.39 5.40 -7.48
C THR A 152 1.48 6.22 -6.21
N ALA A 153 0.95 7.44 -6.26
CA ALA A 153 0.93 8.31 -5.07
C ALA A 153 -0.51 8.42 -4.63
N PHE A 154 -0.74 8.63 -3.34
CA PHE A 154 -2.12 8.70 -2.86
C PHE A 154 -2.29 9.48 -1.58
N SER A 155 -3.53 9.83 -1.30
CA SER A 155 -3.87 10.53 -0.08
C SER A 155 -5.31 10.21 0.25
N ILE A 156 -5.56 9.91 1.51
CA ILE A 156 -6.90 9.63 1.98
C ILE A 156 -7.06 10.54 3.18
N PHE A 157 -8.09 11.38 3.16
CA PHE A 157 -8.28 12.31 4.24
C PHE A 157 -9.70 12.54 4.69
N ASN A 158 -9.84 12.78 6.00
CA ASN A 158 -11.12 13.03 6.64
C ASN A 158 -10.99 14.40 7.31
N ASP A 159 -11.49 15.44 6.64
CA ASP A 159 -11.42 16.79 7.17
C ASP A 159 -12.16 17.02 8.48
N LYS A 160 -13.31 16.36 8.66
CA LYS A 160 -14.10 16.53 9.86
C LYS A 160 -13.33 16.18 11.13
N ASN A 161 -12.70 15.01 11.12
CA ASN A 161 -11.95 14.53 12.27
C ASN A 161 -10.44 14.75 12.18
N LYS A 162 -10.01 15.46 11.15
CA LYS A 162 -8.60 15.78 10.95
C LYS A 162 -7.70 14.56 10.90
N VAL A 163 -8.11 13.58 10.11
CA VAL A 163 -7.32 12.36 9.93
C VAL A 163 -6.92 12.34 8.48
N LYS A 164 -5.61 12.40 8.23
CA LYS A 164 -5.13 12.41 6.85
C LYS A 164 -3.94 11.48 6.64
N LEU A 165 -3.95 10.82 5.49
CA LEU A 165 -2.89 9.88 5.14
C LEU A 165 -2.39 10.20 3.76
N GLN A 166 -1.09 10.00 3.53
CA GLN A 166 -0.52 10.23 2.21
C GLN A 166 0.68 9.31 2.06
N GLY A 167 1.01 8.97 0.83
CA GLY A 167 2.15 8.10 0.59
C GLY A 167 2.27 7.76 -0.87
N TYR A 168 3.25 6.93 -1.20
CA TYR A 168 3.40 6.51 -2.58
C TYR A 168 3.98 5.12 -2.56
N ASN A 169 3.95 4.45 -3.69
CA ASN A 169 4.42 3.08 -3.75
C ASN A 169 4.99 2.68 -5.09
N GLN A 170 6.02 1.84 -5.03
CA GLN A 170 6.65 1.28 -6.22
C GLN A 170 7.36 0.01 -5.79
N ILE A 171 7.61 -0.87 -6.74
CA ILE A 171 8.26 -2.13 -6.43
C ILE A 171 9.36 -2.47 -7.39
N LYS A 172 10.09 -3.54 -7.06
CA LYS A 172 11.16 -4.09 -7.87
C LYS A 172 10.95 -5.58 -7.69
N ALA A 173 10.73 -6.29 -8.79
CA ALA A 173 10.49 -7.73 -8.72
C ALA A 173 11.52 -8.53 -9.48
N SER A 174 11.64 -9.80 -9.11
CA SER A 174 12.56 -10.72 -9.75
C SER A 174 12.12 -12.12 -9.36
N PHE A 175 12.43 -13.10 -10.20
CA PHE A 175 12.07 -14.48 -9.94
C PHE A 175 13.25 -15.28 -9.46
N THR A 176 13.00 -16.26 -8.59
CA THR A 176 14.05 -17.14 -8.09
C THR A 176 14.03 -18.30 -9.08
N LYS A 177 15.00 -19.21 -8.99
CA LYS A 177 15.02 -20.34 -9.92
C LYS A 177 13.80 -21.23 -9.71
N SER A 178 13.30 -21.27 -8.48
CA SER A 178 12.13 -22.09 -8.18
C SER A 178 10.84 -21.38 -8.58
N LEU A 179 10.96 -20.28 -9.30
CA LEU A 179 9.82 -19.49 -9.79
C LEU A 179 9.04 -18.70 -8.74
N MET A 180 9.68 -18.41 -7.63
CA MET A 180 9.05 -17.61 -6.59
C MET A 180 9.25 -16.16 -7.04
N LEU A 181 8.19 -15.35 -7.00
CA LEU A 181 8.33 -13.96 -7.40
C LEU A 181 8.59 -13.11 -6.16
N THR A 182 9.82 -12.63 -6.03
CA THR A 182 10.23 -11.81 -4.90
C THR A 182 9.88 -10.36 -5.20
N VAL A 183 9.23 -9.71 -4.23
CA VAL A 183 8.84 -8.33 -4.42
C VAL A 183 9.33 -7.45 -3.27
N LYS A 184 10.03 -6.37 -3.61
CA LYS A 184 10.49 -5.43 -2.60
C LYS A 184 9.68 -4.17 -2.84
N GLN A 185 9.02 -3.70 -1.79
CA GLN A 185 8.25 -2.48 -1.92
C GLN A 185 9.15 -1.30 -1.56
N PHE A 186 8.90 -0.15 -2.20
CA PHE A 186 9.61 1.09 -1.95
C PHE A 186 8.56 2.14 -1.63
N GLY A 187 8.95 3.13 -0.83
CA GLY A 187 8.01 4.18 -0.49
C GLY A 187 7.59 4.05 0.96
N HIS A 188 6.78 4.99 1.43
CA HIS A 188 6.28 4.97 2.79
C HIS A 188 4.96 5.72 2.82
N THR A 189 4.28 5.64 3.95
CA THR A 189 2.98 6.29 4.11
C THR A 189 2.95 6.99 5.45
N MET A 190 2.39 8.20 5.47
CA MET A 190 2.29 8.96 6.71
C MET A 190 0.83 9.18 7.08
N LEU A 191 0.53 8.97 8.36
CA LEU A 191 -0.82 9.13 8.87
C LEU A 191 -0.83 10.16 9.98
N ASP A 192 -1.63 11.19 9.84
CA ASP A 192 -1.74 12.22 10.85
C ASP A 192 -3.07 12.13 11.54
N ILE A 193 -3.04 12.13 12.87
CA ILE A 193 -4.26 12.09 13.68
C ILE A 193 -4.18 13.43 14.42
N LYS A 194 -4.89 14.43 13.90
CA LYS A 194 -4.84 15.77 14.47
C LYS A 194 -3.39 16.20 14.45
N ASP A 195 -2.76 16.39 15.61
CA ASP A 195 -1.36 16.82 15.63
C ASP A 195 -0.34 15.70 15.84
N GLU A 196 -0.83 14.46 15.93
CA GLU A 196 0.03 13.31 16.15
C GLU A 196 0.32 12.65 14.80
N SER A 197 1.57 12.25 14.58
CA SER A 197 1.96 11.64 13.30
C SER A 197 2.45 10.21 13.40
N TYR A 198 2.29 9.47 12.30
CA TYR A 198 2.71 8.08 12.22
C TYR A 198 3.31 7.78 10.87
N LEU A 199 4.47 7.14 10.86
CA LEU A 199 5.14 6.76 9.62
C LEU A 199 5.04 5.25 9.51
N VAL A 200 4.49 4.79 8.39
CA VAL A 200 4.30 3.36 8.15
C VAL A 200 5.10 2.94 6.92
N THR A 201 5.78 1.80 7.02
CA THR A 201 6.57 1.29 5.91
C THR A 201 6.00 -0.06 5.49
N PRO A 202 5.66 -0.21 4.21
CA PRO A 202 5.11 -1.49 3.74
C PRO A 202 6.19 -2.58 3.77
N PRO A 203 5.78 -3.85 3.89
CA PRO A 203 6.75 -4.95 3.94
C PRO A 203 7.07 -5.59 2.60
N PRO A 204 8.15 -6.38 2.53
CA PRO A 204 8.48 -7.01 1.25
C PRO A 204 7.52 -8.20 1.16
N LEU A 205 7.45 -8.83 0.00
CA LEU A 205 6.56 -9.97 -0.14
C LEU A 205 6.97 -10.86 -1.30
N HIS A 206 6.38 -12.04 -1.36
CA HIS A 206 6.65 -12.94 -2.47
C HIS A 206 5.35 -13.54 -2.95
N ILE A 207 5.32 -13.89 -4.23
CA ILE A 207 4.14 -14.48 -4.83
C ILE A 207 4.40 -15.97 -5.00
N GLU A 208 3.61 -16.77 -4.30
CA GLU A 208 3.75 -18.21 -4.36
C GLU A 208 2.73 -18.79 -5.35
N GLY A 209 2.88 -20.08 -5.63
CA GLY A 209 1.96 -20.76 -6.52
C GLY A 209 2.01 -20.44 -8.01
N ILE A 210 3.14 -19.98 -8.51
CA ILE A 210 3.23 -19.67 -9.93
C ILE A 210 3.30 -20.92 -10.80
N LEU A 211 3.96 -21.96 -10.31
CA LEU A 211 4.07 -23.20 -11.10
C LEU A 211 2.71 -23.85 -11.28
N VAL A 212 1.92 -23.89 -10.21
CA VAL A 212 0.59 -24.50 -10.26
C VAL A 212 -0.51 -23.56 -10.79
N ALA A 213 -0.10 -22.38 -11.26
CA ALA A 213 -1.02 -21.41 -11.81
C ALA A 213 -2.10 -20.93 -10.84
N SER A 214 -1.76 -20.81 -9.56
CA SER A 214 -2.70 -20.28 -8.58
C SER A 214 -1.88 -19.39 -7.67
N PRO A 215 -1.49 -18.21 -8.17
CA PRO A 215 -0.68 -17.21 -7.47
C PRO A 215 -1.36 -16.66 -6.23
N PHE A 216 -0.57 -16.41 -5.19
CA PHE A 216 -1.11 -15.80 -3.99
C PHE A 216 0.02 -15.11 -3.25
N VAL A 217 -0.34 -14.09 -2.48
CA VAL A 217 0.62 -13.30 -1.75
C VAL A 217 0.90 -13.77 -0.33
N GLU A 218 2.18 -13.73 0.04
CA GLU A 218 2.59 -14.05 1.40
C GLU A 218 3.54 -12.91 1.78
N LEU A 219 3.40 -12.41 2.99
CA LEU A 219 4.27 -11.33 3.42
C LEU A 219 5.49 -11.88 4.16
N GLU A 220 6.55 -11.08 4.19
CA GLU A 220 7.79 -11.45 4.85
C GLU A 220 8.44 -10.18 5.41
N GLY A 221 9.64 -10.30 5.97
CA GLY A 221 10.32 -9.12 6.49
C GLY A 221 9.60 -8.39 7.61
N LYS A 222 9.75 -7.07 7.63
CA LYS A 222 9.16 -6.22 8.67
C LYS A 222 8.50 -4.95 8.14
N SER A 223 7.57 -4.43 8.93
CA SER A 223 6.91 -3.16 8.65
C SER A 223 7.06 -2.38 9.94
N TYR A 224 7.20 -1.06 9.83
CA TYR A 224 7.34 -0.24 11.03
C TYR A 224 6.23 0.80 11.12
N ILE A 225 5.90 1.18 12.34
CA ILE A 225 4.90 2.22 12.57
C ILE A 225 5.56 3.10 13.62
N GLN A 226 6.19 4.18 13.16
CA GLN A 226 6.88 5.12 14.03
C GLN A 226 6.02 6.36 14.26
N SER A 227 5.73 6.63 15.52
CA SER A 227 4.92 7.78 15.88
C SER A 227 5.74 8.95 16.37
N SER A 228 5.14 10.13 16.30
CA SER A 228 5.78 11.36 16.75
C SER A 228 5.82 11.36 18.28
N THR A 229 5.07 10.44 18.88
CA THR A 229 5.01 10.31 20.33
C THR A 229 6.21 9.51 20.84
N GLY A 230 6.98 8.97 19.90
CA GLY A 230 8.13 8.18 20.27
C GLY A 230 7.83 6.69 20.15
N LEU A 231 6.60 6.31 20.45
CA LEU A 231 6.19 4.92 20.38
C LEU A 231 6.47 4.35 18.99
N LEU A 232 6.83 3.07 18.96
CA LEU A 232 7.14 2.38 17.72
C LEU A 232 6.61 0.96 17.73
N CYS A 233 5.97 0.55 16.65
CA CYS A 233 5.46 -0.79 16.52
C CYS A 233 6.28 -1.49 15.43
N VAL A 234 6.78 -2.67 15.74
CA VAL A 234 7.56 -3.45 14.78
C VAL A 234 6.75 -4.69 14.44
N ILE A 235 6.35 -4.82 13.18
CA ILE A 235 5.56 -5.98 12.76
C ILE A 235 6.41 -6.88 11.88
N GLU A 236 6.50 -8.16 12.27
CA GLU A 236 7.27 -9.15 11.51
C GLU A 236 6.29 -10.15 10.88
N PHE A 237 6.51 -10.48 9.60
CA PHE A 237 5.63 -11.41 8.89
C PHE A 237 6.28 -12.74 8.55
N SER A 238 5.49 -13.81 8.59
CA SER A 238 5.95 -15.15 8.27
C SER A 238 4.85 -15.94 7.55
N GLY A 239 5.21 -17.04 6.92
CA GLY A 239 4.23 -17.85 6.21
C GLY A 239 4.42 -19.35 6.33
N ARG A 240 3.31 -20.08 6.23
CA ARG A 240 3.32 -21.54 6.32
C ARG A 240 3.76 -22.06 7.69
N GLY A 241 5.05 -21.98 7.96
CA GLY A 241 5.58 -22.45 9.23
C GLY A 241 6.57 -21.44 9.80
N TYR A 242 7.84 -21.83 9.88
CA TYR A 242 8.88 -20.96 10.40
C TYR A 242 8.51 -20.38 11.77
N PHE A 243 7.69 -19.33 11.78
CA PHE A 243 7.28 -18.72 13.03
C PHE A 243 5.98 -19.34 13.52
N SER A 244 4.96 -19.29 12.67
CA SER A 244 3.64 -19.84 12.99
C SER A 244 3.34 -21.06 12.13
N GLY A 245 2.36 -21.85 12.54
CA GLY A 245 2.01 -23.03 11.76
C GLY A 245 1.06 -22.70 10.63
N LYS A 246 0.66 -21.44 10.52
CA LYS A 246 -0.26 -21.03 9.48
C LYS A 246 0.26 -19.88 8.61
N LYS A 247 -0.24 -19.80 7.38
CA LYS A 247 0.14 -18.77 6.45
C LYS A 247 -0.35 -17.40 6.93
N ASN A 248 0.10 -16.34 6.27
CA ASN A 248 -0.31 -14.98 6.60
C ASN A 248 -0.20 -14.66 8.10
N SER A 249 0.88 -15.08 8.74
CA SER A 249 1.08 -14.83 10.16
C SER A 249 1.95 -13.61 10.43
N PHE A 250 1.87 -13.09 11.64
CA PHE A 250 2.67 -11.94 12.00
C PHE A 250 2.81 -11.89 13.51
N LYS A 251 3.75 -11.05 13.95
CA LYS A 251 3.97 -10.83 15.35
C LYS A 251 4.35 -9.35 15.39
N ALA A 252 3.65 -8.59 16.22
CA ALA A 252 3.90 -7.16 16.32
C ALA A 252 4.21 -6.81 17.77
N ARG A 253 5.17 -5.93 17.98
CA ARG A 253 5.52 -5.51 19.33
C ARG A 253 5.59 -3.98 19.39
N ILE A 254 5.02 -3.43 20.43
CA ILE A 254 5.01 -1.99 20.61
C ILE A 254 6.02 -1.62 21.70
N TYR A 255 6.89 -0.67 21.38
CA TYR A 255 7.91 -0.23 22.32
C TYR A 255 7.78 1.25 22.67
N LYS A 256 8.33 1.64 23.81
CA LYS A 256 8.29 3.03 24.24
C LYS A 256 9.02 3.92 23.26
N ASP A 257 10.01 3.35 22.57
CA ASP A 257 10.77 4.10 21.58
C ASP A 257 11.70 3.20 20.77
N SER A 258 12.28 3.76 19.73
CA SER A 258 13.18 3.03 18.83
C SER A 258 14.30 2.31 19.56
N LYS A 259 14.83 2.92 20.60
CA LYS A 259 15.91 2.32 21.37
C LYS A 259 15.49 1.03 22.05
N ASP A 260 14.30 1.03 22.63
CA ASP A 260 13.76 -0.13 23.33
C ASP A 260 13.43 -1.30 22.40
N SER A 261 13.21 -1.02 21.12
CA SER A 261 12.86 -2.06 20.15
C SER A 261 14.02 -3.00 19.86
N LYS A 262 15.19 -2.69 20.38
CA LYS A 262 16.37 -3.53 20.20
C LYS A 262 16.25 -4.76 21.09
N ASP A 263 15.52 -4.58 22.20
CA ASP A 263 15.31 -5.64 23.18
C ASP A 263 13.83 -6.05 23.20
N LYS A 264 13.52 -7.22 22.65
CA LYS A 264 12.14 -7.69 22.60
C LYS A 264 11.46 -7.76 23.96
N GLU A 265 12.25 -7.91 25.01
CA GLU A 265 11.71 -8.00 26.37
C GLU A 265 11.10 -6.68 26.82
N LYS A 266 11.51 -5.59 26.19
CA LYS A 266 11.00 -4.27 26.56
C LYS A 266 9.66 -3.98 25.87
N ALA A 267 9.14 -4.96 25.15
CA ALA A 267 7.86 -4.79 24.44
C ALA A 267 6.71 -4.53 25.40
N LEU A 268 6.01 -3.41 25.20
CA LEU A 268 4.87 -3.07 26.04
C LEU A 268 3.73 -4.06 25.80
N TYR A 269 3.56 -4.45 24.54
CA TYR A 269 2.53 -5.41 24.15
C TYR A 269 3.11 -6.25 23.03
N THR A 270 2.59 -7.47 22.90
CA THR A 270 3.01 -8.37 21.84
C THR A 270 1.75 -8.96 21.20
N ILE A 271 1.60 -8.74 19.90
CA ILE A 271 0.43 -9.22 19.16
C ILE A 271 0.87 -10.32 18.19
N SER A 272 0.07 -11.37 18.07
CA SER A 272 0.41 -12.48 17.18
C SER A 272 -0.81 -13.20 16.61
N GLY A 273 -0.66 -13.74 15.42
CA GLY A 273 -1.74 -14.46 14.78
C GLY A 273 -1.66 -14.24 13.27
N GLN A 274 -2.79 -14.32 12.60
CA GLN A 274 -2.83 -14.13 11.16
C GLN A 274 -3.51 -12.80 10.82
N TRP A 275 -2.92 -12.04 9.90
CA TRP A 275 -3.51 -10.76 9.53
C TRP A 275 -4.74 -10.93 8.63
N SER A 276 -4.91 -12.12 8.06
CA SER A 276 -6.08 -12.37 7.20
C SER A 276 -7.11 -13.11 8.05
N GLY A 277 -6.79 -13.30 9.32
CA GLY A 277 -7.69 -14.00 10.22
C GLY A 277 -7.70 -13.37 11.60
N SER A 278 -7.49 -14.17 12.64
CA SER A 278 -7.52 -13.66 14.01
C SER A 278 -6.13 -13.54 14.64
N SER A 279 -6.01 -12.57 15.55
CA SER A 279 -4.75 -12.34 16.26
C SER A 279 -5.07 -11.97 17.70
N LYS A 280 -4.17 -12.34 18.61
CA LYS A 280 -4.35 -12.05 20.02
C LYS A 280 -3.27 -11.12 20.52
N ILE A 281 -3.52 -10.48 21.66
CA ILE A 281 -2.55 -9.55 22.21
C ILE A 281 -2.27 -9.87 23.69
N ILE A 282 -1.01 -9.73 24.07
CA ILE A 282 -0.59 -9.99 25.45
C ILE A 282 0.10 -8.73 25.97
N LYS A 283 -0.23 -8.33 27.20
CA LYS A 283 0.38 -7.13 27.78
C LYS A 283 1.61 -7.54 28.57
N ALA A 284 2.70 -6.81 28.38
CA ALA A 284 3.95 -7.11 29.07
C ALA A 284 4.32 -8.56 28.76
N ASN A 285 4.39 -9.38 29.81
CA ASN A 285 4.72 -10.80 29.65
C ASN A 285 3.60 -11.65 30.21
N LYS A 286 2.45 -11.02 30.46
CA LYS A 286 1.28 -11.71 31.01
C LYS A 286 0.64 -12.58 29.94
N LYS A 287 1.34 -13.64 29.55
CA LYS A 287 0.87 -14.57 28.51
C LYS A 287 -0.48 -15.18 28.84
N GLU A 288 -0.73 -15.42 30.12
CA GLU A 288 -1.97 -16.02 30.58
C GLU A 288 -3.19 -15.12 30.30
N GLU A 289 -2.94 -13.83 30.09
CA GLU A 289 -4.03 -12.90 29.85
C GLU A 289 -4.19 -12.41 28.41
N SER A 290 -4.02 -13.30 27.44
CA SER A 290 -4.16 -12.90 26.05
C SER A 290 -5.62 -12.54 25.75
N ARG A 291 -5.82 -11.60 24.83
CA ARG A 291 -7.16 -11.18 24.43
C ARG A 291 -7.20 -11.01 22.92
N LEU A 292 -8.39 -11.18 22.34
CA LEU A 292 -8.57 -11.04 20.90
C LEU A 292 -8.26 -9.60 20.47
N PHE A 293 -7.30 -9.44 19.57
CA PHE A 293 -6.94 -8.12 19.10
C PHE A 293 -7.72 -7.74 17.85
N TYR A 294 -7.71 -8.63 16.87
CA TYR A 294 -8.42 -8.39 15.61
C TYR A 294 -8.77 -9.70 14.93
N ASP A 295 -9.94 -9.73 14.28
CA ASP A 295 -10.40 -10.89 13.54
C ASP A 295 -10.94 -10.35 12.23
N ALA A 296 -10.17 -10.49 11.16
CA ALA A 296 -10.56 -9.99 9.85
C ALA A 296 -11.84 -10.63 9.30
N ALA A 297 -12.15 -11.84 9.73
CA ALA A 297 -13.35 -12.53 9.26
C ALA A 297 -14.65 -11.94 9.80
N ARG A 298 -14.59 -11.26 10.95
CA ARG A 298 -15.78 -10.67 11.56
C ARG A 298 -16.14 -9.28 11.05
N ILE A 299 -15.17 -8.62 10.43
CA ILE A 299 -15.37 -7.25 9.95
C ILE A 299 -15.35 -7.15 8.42
N PRO A 300 -16.53 -7.01 7.80
CA PRO A 300 -16.61 -6.90 6.34
C PRO A 300 -15.99 -5.59 5.84
N ALA A 301 -15.22 -5.68 4.77
CA ALA A 301 -14.59 -4.50 4.20
C ALA A 301 -15.66 -3.59 3.63
N GLU A 302 -15.42 -2.28 3.67
CA GLU A 302 -16.34 -1.31 3.11
C GLU A 302 -15.63 -0.67 1.92
N HIS A 303 -16.23 -0.83 0.75
CA HIS A 303 -15.66 -0.29 -0.48
C HIS A 303 -16.10 1.15 -0.68
N LEU A 304 -15.19 1.98 -1.20
CA LEU A 304 -15.52 3.38 -1.38
C LEU A 304 -16.50 3.59 -2.53
N ASN A 305 -17.16 4.74 -2.51
CA ASN A 305 -18.11 5.08 -3.55
C ASN A 305 -17.36 5.74 -4.71
N VAL A 306 -17.59 5.23 -5.91
CA VAL A 306 -16.97 5.78 -7.11
C VAL A 306 -18.12 6.20 -8.01
N LYS A 307 -18.06 7.41 -8.55
CA LYS A 307 -19.15 7.87 -9.41
C LYS A 307 -19.32 6.96 -10.62
N PRO A 308 -20.53 6.96 -11.21
CA PRO A 308 -20.76 6.10 -12.37
C PRO A 308 -19.85 6.45 -13.56
N LEU A 309 -19.55 5.43 -14.35
CA LEU A 309 -18.69 5.59 -15.51
C LEU A 309 -19.06 6.79 -16.36
N GLU A 310 -20.37 6.96 -16.58
CA GLU A 310 -20.88 8.05 -17.39
C GLU A 310 -20.34 9.44 -17.02
N GLU A 311 -20.09 9.68 -15.73
CA GLU A 311 -19.60 10.98 -15.32
C GLU A 311 -18.13 11.07 -14.94
N GLN A 312 -17.35 10.07 -15.32
CA GLN A 312 -15.93 10.06 -15.02
C GLN A 312 -15.09 10.82 -16.04
N HIS A 313 -14.06 11.49 -15.54
CA HIS A 313 -13.12 12.25 -16.36
C HIS A 313 -12.30 11.22 -17.16
N PRO A 314 -11.83 11.59 -18.36
CA PRO A 314 -11.05 10.63 -19.16
C PRO A 314 -9.77 10.09 -18.50
N LEU A 315 -9.28 10.79 -17.48
CA LEU A 315 -8.08 10.33 -16.79
C LEU A 315 -8.42 9.33 -15.70
N GLU A 316 -9.70 9.25 -15.33
CA GLU A 316 -10.11 8.32 -14.30
C GLU A 316 -9.96 6.88 -14.75
N SER A 317 -9.25 6.10 -13.94
CA SER A 317 -8.93 4.70 -14.22
C SER A 317 -9.98 3.86 -14.92
N ARG A 318 -11.12 3.67 -14.26
CA ARG A 318 -12.16 2.83 -14.84
C ARG A 318 -12.68 3.30 -16.19
N LYS A 319 -12.76 4.61 -16.38
CA LYS A 319 -13.24 5.15 -17.66
C LYS A 319 -12.19 4.86 -18.74
N ALA A 320 -10.95 5.19 -18.45
CA ALA A 320 -9.87 4.98 -19.42
C ALA A 320 -9.61 3.52 -19.79
N TRP A 321 -9.71 2.63 -18.81
CA TRP A 321 -9.47 1.21 -19.05
C TRP A 321 -10.72 0.42 -19.44
N TYR A 322 -11.85 1.10 -19.55
CA TYR A 322 -13.12 0.43 -19.87
C TYR A 322 -13.07 -0.65 -20.94
N ASP A 323 -12.52 -0.34 -22.11
CA ASP A 323 -12.46 -1.32 -23.19
C ASP A 323 -11.56 -2.50 -22.85
N VAL A 324 -10.41 -2.22 -22.24
CA VAL A 324 -9.49 -3.29 -21.88
C VAL A 324 -10.11 -4.19 -20.79
N ALA A 325 -10.77 -3.58 -19.81
CA ALA A 325 -11.42 -4.35 -18.73
C ALA A 325 -12.50 -5.26 -19.31
N GLY A 326 -13.29 -4.71 -20.23
CA GLY A 326 -14.35 -5.49 -20.84
C GLY A 326 -13.80 -6.68 -21.62
N ALA A 327 -12.70 -6.48 -22.34
CA ALA A 327 -12.08 -7.54 -23.14
C ALA A 327 -11.51 -8.61 -22.22
N ILE A 328 -10.89 -8.18 -21.12
CA ILE A 328 -10.33 -9.13 -20.17
C ILE A 328 -11.43 -9.98 -19.57
N LYS A 329 -12.52 -9.33 -19.18
CA LYS A 329 -13.63 -10.08 -18.59
C LYS A 329 -14.20 -11.07 -19.61
N LEU A 330 -14.17 -10.71 -20.89
CA LEU A 330 -14.67 -11.58 -21.92
C LEU A 330 -13.67 -12.70 -22.23
N GLY A 331 -12.39 -12.46 -21.96
CA GLY A 331 -11.37 -13.46 -22.22
C GLY A 331 -10.99 -13.55 -23.69
N ASP A 332 -11.28 -12.49 -24.43
CA ASP A 332 -11.00 -12.43 -25.86
C ASP A 332 -9.52 -12.08 -26.09
N PHE A 333 -8.71 -13.07 -26.46
CA PHE A 333 -7.29 -12.82 -26.69
C PHE A 333 -7.00 -11.63 -27.61
N ASN A 334 -7.59 -11.62 -28.81
CA ASN A 334 -7.35 -10.54 -29.75
C ASN A 334 -7.85 -9.18 -29.31
N LEU A 335 -9.03 -9.15 -28.69
CA LEU A 335 -9.60 -7.89 -28.23
C LEU A 335 -8.76 -7.30 -27.10
N ILE A 336 -8.25 -8.16 -26.22
CA ILE A 336 -7.41 -7.69 -25.12
C ILE A 336 -6.16 -7.03 -25.69
N ALA A 337 -5.51 -7.71 -26.62
CA ALA A 337 -4.30 -7.18 -27.24
C ALA A 337 -4.59 -5.88 -27.99
N LYS A 338 -5.70 -5.85 -28.72
CA LYS A 338 -6.09 -4.68 -29.48
C LYS A 338 -6.38 -3.48 -28.60
N THR A 339 -7.23 -3.65 -27.59
CA THR A 339 -7.59 -2.55 -26.70
C THR A 339 -6.42 -2.06 -25.86
N LYS A 340 -5.59 -2.98 -25.36
CA LYS A 340 -4.45 -2.62 -24.53
C LYS A 340 -3.42 -1.84 -25.36
N THR A 341 -3.18 -2.32 -26.58
CA THR A 341 -2.22 -1.66 -27.45
C THR A 341 -2.71 -0.27 -27.83
N GLU A 342 -4.00 -0.13 -28.12
CA GLU A 342 -4.55 1.16 -28.49
C GLU A 342 -4.27 2.20 -27.39
N LEU A 343 -4.53 1.83 -26.14
CA LEU A 343 -4.30 2.76 -25.05
C LEU A 343 -2.81 3.02 -24.85
N GLU A 344 -2.03 1.94 -24.78
CA GLU A 344 -0.60 2.08 -24.54
C GLU A 344 0.17 2.71 -25.71
N GLU A 345 -0.26 2.47 -26.93
CA GLU A 345 0.41 3.07 -28.08
C GLU A 345 0.14 4.56 -28.07
N THR A 346 -1.07 4.95 -27.70
CA THR A 346 -1.40 6.37 -27.64
C THR A 346 -0.51 7.05 -26.60
N GLN A 347 -0.26 6.37 -25.49
CA GLN A 347 0.61 6.94 -24.46
C GLN A 347 2.03 7.10 -25.04
N ARG A 348 2.55 6.05 -25.65
CA ARG A 348 3.88 6.09 -26.25
C ARG A 348 4.03 7.27 -27.19
N GLU A 349 3.02 7.49 -28.03
CA GLU A 349 3.06 8.60 -28.97
C GLU A 349 3.13 9.91 -28.19
N LEU A 350 2.36 9.98 -27.10
CA LEU A 350 2.33 11.18 -26.27
C LEU A 350 3.72 11.48 -25.73
N ARG A 351 4.37 10.45 -25.20
CA ARG A 351 5.72 10.59 -24.63
C ARG A 351 6.72 11.02 -25.70
N LYS A 352 6.69 10.37 -26.85
CA LYS A 352 7.60 10.69 -27.94
C LYS A 352 7.45 12.15 -28.34
N GLU A 353 6.21 12.62 -28.41
CA GLU A 353 5.95 14.00 -28.78
C GLU A 353 6.53 14.95 -27.73
N GLU A 354 6.27 14.66 -26.45
CA GLU A 354 6.77 15.50 -25.37
C GLU A 354 8.28 15.64 -25.49
N GLU A 355 8.97 14.54 -25.76
CA GLU A 355 10.43 14.54 -25.91
C GLU A 355 10.85 15.40 -27.11
N ALA A 356 10.12 15.29 -28.21
CA ALA A 356 10.44 16.05 -29.41
C ALA A 356 10.18 17.54 -29.24
N LYS A 357 9.06 17.86 -28.60
CA LYS A 357 8.67 19.25 -28.39
C LYS A 357 9.32 19.84 -27.14
N GLY A 358 10.12 19.04 -26.44
CA GLY A 358 10.76 19.53 -25.23
C GLY A 358 9.72 19.90 -24.18
N ILE A 359 8.76 19.01 -23.96
CA ILE A 359 7.71 19.24 -22.97
C ILE A 359 7.73 18.10 -21.96
N SER A 360 7.31 18.39 -20.73
CA SER A 360 7.29 17.35 -19.70
C SER A 360 5.90 17.18 -19.09
N TRP A 361 5.61 15.96 -18.64
CA TRP A 361 4.32 15.69 -18.02
C TRP A 361 4.32 16.29 -16.61
N GLN A 362 3.27 17.05 -16.30
CA GLN A 362 3.15 17.69 -15.00
C GLN A 362 2.20 16.91 -14.11
N ARG A 363 2.69 16.47 -12.96
CA ARG A 363 1.86 15.72 -12.03
C ARG A 363 0.77 16.63 -11.47
N ARG A 364 -0.42 16.06 -11.31
CA ARG A 364 -1.61 16.81 -10.88
C ARG A 364 -1.74 17.21 -9.40
N TRP A 365 -1.63 16.24 -8.50
CA TRP A 365 -1.78 16.56 -7.09
C TRP A 365 -0.57 16.22 -6.23
N PHE A 366 0.45 15.65 -6.85
CA PHE A 366 1.66 15.30 -6.12
C PHE A 366 2.90 15.88 -6.78
N LYS A 367 3.90 16.18 -5.95
CA LYS A 367 5.17 16.72 -6.43
C LYS A 367 6.31 15.95 -5.76
N ASP A 368 7.36 15.70 -6.51
CA ASP A 368 8.51 14.95 -6.00
C ASP A 368 9.52 15.85 -5.28
N PHE A 369 9.68 15.63 -3.98
CA PHE A 369 10.61 16.42 -3.18
C PHE A 369 11.96 15.74 -3.11
N ASP A 370 13.00 16.49 -3.49
CA ASP A 370 14.37 15.99 -3.47
C ASP A 370 14.98 16.16 -2.08
N TYR A 371 14.99 15.08 -1.31
CA TYR A 371 15.54 15.09 0.05
C TYR A 371 17.07 14.93 0.11
N SER A 372 17.72 14.82 -1.03
CA SER A 372 19.17 14.64 -1.00
C SER A 372 19.92 15.90 -0.58
N VAL A 373 21.09 15.70 0.01
CA VAL A 373 21.93 16.80 0.46
C VAL A 373 22.34 17.65 -0.74
N THR A 374 22.30 17.04 -1.91
CA THR A 374 22.63 17.72 -3.16
C THR A 374 21.44 17.60 -4.11
N PRO A 375 20.37 18.35 -3.84
CA PRO A 375 19.16 18.32 -4.66
C PRO A 375 19.34 18.93 -6.04
N GLU A 376 18.56 18.44 -7.01
CA GLU A 376 18.62 18.96 -8.36
C GLU A 376 18.20 20.42 -8.25
N GLU A 377 18.85 21.30 -9.01
CA GLU A 377 18.56 22.72 -8.95
C GLU A 377 17.11 23.17 -9.14
N GLY A 378 16.33 22.45 -9.93
CA GLY A 378 14.96 22.85 -10.14
C GLY A 378 13.91 22.14 -9.29
N ALA A 379 14.32 21.07 -8.62
CA ALA A 379 13.39 20.30 -7.78
C ALA A 379 12.99 20.97 -6.48
N LEU A 380 11.85 20.57 -5.94
CA LEU A 380 11.35 21.10 -4.68
C LEU A 380 12.11 20.43 -3.54
N VAL A 381 12.34 21.16 -2.46
CA VAL A 381 13.07 20.64 -1.32
C VAL A 381 12.18 20.69 -0.08
N PRO A 382 12.28 19.68 0.81
CA PRO A 382 11.49 19.61 2.04
C PRO A 382 11.61 20.80 3.00
N GLU A 383 10.54 21.02 3.78
CA GLU A 383 10.52 22.10 4.75
C GLU A 383 11.33 21.78 6.00
N LYS A 384 11.50 22.79 6.84
CA LYS A 384 12.24 22.67 8.08
C LYS A 384 11.76 21.49 8.91
N ASP A 385 10.59 21.68 9.52
CA ASP A 385 9.98 20.68 10.38
C ASP A 385 9.29 19.54 9.63
N ASP A 386 9.87 19.13 8.50
CA ASP A 386 9.31 18.05 7.72
C ASP A 386 8.97 16.87 8.64
N THR A 387 7.76 16.34 8.50
CA THR A 387 7.32 15.23 9.34
C THR A 387 8.13 13.96 9.07
N PHE A 388 8.32 13.64 7.80
CA PHE A 388 9.06 12.45 7.42
C PHE A 388 10.46 12.46 8.04
N LEU A 389 11.14 13.60 7.93
CA LEU A 389 12.49 13.73 8.46
C LEU A 389 12.59 13.40 9.94
N LYS A 390 11.71 13.97 10.76
CA LYS A 390 11.76 13.70 12.19
C LYS A 390 11.37 12.28 12.56
N LEU A 391 10.36 11.72 11.88
CA LEU A 391 9.93 10.36 12.20
C LEU A 391 10.98 9.35 11.72
N ALA A 392 11.58 9.63 10.57
CA ALA A 392 12.62 8.75 10.02
C ALA A 392 13.84 8.83 10.93
N SER A 393 14.06 10.00 11.50
CA SER A 393 15.21 10.18 12.39
C SER A 393 14.97 9.41 13.69
N ALA A 394 13.74 9.45 14.19
CA ALA A 394 13.42 8.74 15.42
C ALA A 394 13.49 7.22 15.24
N LEU A 395 13.20 6.76 14.03
CA LEU A 395 13.23 5.33 13.75
C LEU A 395 14.61 4.90 13.26
N ASN A 396 15.40 5.89 12.86
CA ASN A 396 16.74 5.67 12.32
C ASN A 396 16.54 4.99 10.97
N LEU A 397 15.49 5.43 10.29
CA LEU A 397 15.15 4.91 8.98
C LEU A 397 15.90 5.69 7.91
N SER A 398 16.36 4.99 6.88
CA SER A 398 17.07 5.65 5.79
C SER A 398 16.08 6.53 5.03
N THR A 399 16.54 7.68 4.57
CA THR A 399 15.67 8.59 3.81
C THR A 399 15.91 8.46 2.31
N LYS A 400 16.80 7.55 1.93
CA LYS A 400 17.11 7.32 0.53
C LYS A 400 16.04 6.46 -0.12
N ASN A 401 16.11 6.34 -1.45
CA ASN A 401 15.16 5.52 -2.18
C ASN A 401 15.54 4.05 -2.10
N ALA A 402 15.70 3.55 -0.87
CA ALA A 402 16.04 2.16 -0.63
C ALA A 402 14.74 1.42 -0.35
N PRO A 403 14.78 0.08 -0.29
CA PRO A 403 13.54 -0.65 -0.02
C PRO A 403 12.85 -0.14 1.25
N SER A 404 11.52 -0.19 1.27
CA SER A 404 10.76 0.25 2.43
C SER A 404 11.24 -0.45 3.70
N GLY A 405 11.47 0.34 4.74
CA GLY A 405 11.92 -0.24 6.00
C GLY A 405 13.42 -0.30 6.17
N THR A 406 14.16 0.11 5.15
CA THR A 406 15.61 0.13 5.22
C THR A 406 16.09 1.07 6.32
N LEU A 407 16.92 0.54 7.21
CA LEU A 407 17.46 1.34 8.32
C LEU A 407 18.82 1.92 7.98
N VAL A 408 19.13 3.09 8.55
CA VAL A 408 20.42 3.75 8.30
C VAL A 408 21.56 2.79 8.61
N GLY A 409 22.44 2.57 7.65
CA GLY A 409 23.55 1.66 7.88
C GLY A 409 23.37 0.33 7.17
N ASP A 410 22.12 -0.07 6.91
CA ASP A 410 21.86 -1.33 6.22
C ASP A 410 22.56 -1.30 4.86
N LYS A 411 22.79 -2.47 4.29
CA LYS A 411 23.45 -2.57 2.99
C LYS A 411 22.77 -1.70 1.93
N GLU A 412 21.44 -1.80 1.86
CA GLU A 412 20.68 -1.04 0.88
C GLU A 412 20.91 0.48 1.01
N ASP A 413 21.12 0.95 2.24
CA ASP A 413 21.34 2.37 2.49
C ASP A 413 22.76 2.82 2.13
N ARG A 414 23.69 1.88 2.09
CA ARG A 414 25.08 2.21 1.76
C ARG A 414 25.33 2.10 0.25
N LYS A 415 24.25 1.96 -0.51
CA LYS A 415 24.35 1.85 -1.96
C LYS A 415 24.81 3.20 -2.52
N GLU A 416 25.83 3.17 -3.36
CA GLU A 416 26.39 4.37 -3.97
C GLU A 416 25.42 5.07 -4.92
N ASP A 417 25.52 6.40 -4.97
CA ASP A 417 24.68 7.23 -5.84
C ASP A 417 23.21 6.82 -5.82
N LEU A 418 22.64 6.75 -4.63
CA LEU A 418 21.23 6.41 -4.46
C LEU A 418 20.49 7.70 -4.13
N SER A 419 19.49 8.06 -4.94
CA SER A 419 18.71 9.27 -4.72
C SER A 419 17.83 9.20 -3.48
N SER A 420 17.23 10.34 -3.12
CA SER A 420 16.37 10.43 -1.95
C SER A 420 15.17 11.32 -2.28
N ILE A 421 14.51 11.00 -3.39
CA ILE A 421 13.35 11.78 -3.82
C ILE A 421 12.05 11.11 -3.41
N HIS A 422 11.15 11.86 -2.81
CA HIS A 422 9.88 11.31 -2.35
C HIS A 422 8.67 12.13 -2.81
N TRP A 423 7.59 11.44 -3.16
CA TRP A 423 6.38 12.11 -3.60
C TRP A 423 5.57 12.60 -2.43
N ARG A 424 5.03 13.81 -2.55
CA ARG A 424 4.24 14.41 -1.48
C ARG A 424 2.93 14.97 -2.00
N PHE A 425 1.88 14.78 -1.22
CA PHE A 425 0.57 15.29 -1.60
C PHE A 425 0.58 16.80 -1.38
N GLN A 426 -0.07 17.53 -2.29
CA GLN A 426 -0.16 18.99 -2.18
C GLN A 426 -1.65 19.33 -2.07
N ARG A 427 -2.17 19.33 -0.83
CA ARG A 427 -3.59 19.61 -0.62
C ARG A 427 -4.08 20.79 -1.45
N GLU A 428 -3.31 21.86 -1.48
CA GLU A 428 -3.69 23.05 -2.23
C GLU A 428 -4.07 22.72 -3.67
N LEU A 429 -3.29 21.84 -4.29
CA LEU A 429 -3.56 21.44 -5.67
C LEU A 429 -4.92 20.79 -5.84
N TRP A 430 -5.36 20.05 -4.82
CA TRP A 430 -6.67 19.43 -4.88
C TRP A 430 -7.71 20.51 -4.59
N ASP A 431 -7.38 21.41 -3.68
CA ASP A 431 -8.30 22.50 -3.33
C ASP A 431 -8.65 23.34 -4.54
N GLU A 432 -7.68 23.57 -5.41
CA GLU A 432 -7.94 24.37 -6.60
C GLU A 432 -8.24 23.51 -7.83
N GLU A 433 -8.55 22.23 -7.60
CA GLU A 433 -8.88 21.33 -8.71
C GLU A 433 -10.05 21.92 -9.47
N LYS A 434 -9.92 22.02 -10.78
CA LYS A 434 -10.96 22.61 -11.61
C LYS A 434 -11.86 21.65 -12.36
N GLU A 435 -11.38 20.42 -12.61
CA GLU A 435 -12.16 19.46 -13.38
C GLU A 435 -12.68 18.24 -12.62
N ILE A 436 -11.81 17.63 -11.83
CA ILE A 436 -12.17 16.43 -11.08
C ILE A 436 -13.10 16.67 -9.89
N VAL A 437 -14.08 15.78 -9.74
CA VAL A 437 -15.03 15.84 -8.64
C VAL A 437 -15.21 14.43 -8.07
N LEU A 438 -15.88 14.34 -6.92
CA LEU A 438 -16.14 13.07 -6.29
C LEU A 438 -17.61 12.69 -6.46
C18 HCR B . 2.98 -7.73 -6.88
C13 HCR B . 1.70 -7.22 -7.53
C12 HCR B . 1.82 -5.75 -7.94
C11 HCR B . 2.01 -4.86 -6.71
C9 HCR B . 0.89 -5.03 -5.66
C10 HCR B . 1.11 -4.15 -4.42
C19 HCR B . 2.51 -4.38 -3.84
C1 HCR B . 0.94 -2.68 -4.81
C2 HCR B . 0.89 -1.72 -3.62
C3 HCR B . -0.27 -2.06 -2.69
O1 HCR B . -0.33 -1.16 -1.59
C4 HCR B . -0.09 -3.49 -2.16
C5 HCR B . 0.11 -4.48 -3.30
C6 HCR B . -0.66 -5.65 -3.31
C7 HCR B . -0.56 -6.69 -4.42
O2 HCR B . -0.52 -8.00 -3.84
C8 HCR B . 0.68 -6.50 -5.30
C14 HCR B . 0.49 -7.32 -6.58
C15 HCR B . 0.36 -8.83 -6.42
C16 HCR B . 0.40 -9.26 -7.89
C17 HCR B . 1.17 -8.16 -8.62
C20 HCR B . 2.24 -8.73 -9.56
C21 HCR B . 2.94 -7.62 -10.35
C22 HCR B . 1.62 -9.75 -10.50
C23 HCR B . 2.65 -10.58 -11.26
C24 HCR B . 1.97 -11.55 -12.24
C25 HCR B . 1.33 -12.78 -11.58
C27 HCR B . 0.37 -12.42 -10.44
C26 HCR B . 0.59 -13.60 -12.64
#